data_4HW4
#
_entry.id   4HW4
#
_cell.length_a   50.070
_cell.length_b   48.353
_cell.length_c   68.183
_cell.angle_alpha   90.00
_cell.angle_beta   93.83
_cell.angle_gamma   90.00
#
_symmetry.space_group_name_H-M   'P 1 21 1'
#
loop_
_entity.id
_entity.type
_entity.pdbx_description
1 polymer 'Induced myeloid leukemia cell differentiation protein Mcl-1'
2 polymer 'Mcl-1 BH3 peptide'
3 water water
#
loop_
_entity_poly.entity_id
_entity_poly.type
_entity_poly.pdbx_seq_one_letter_code
_entity_poly.pdbx_strand_id
1 'polypeptide(L)'
;GDELYRQSLEIISRYLREQATGAKDTKPMGRSGATSRKALETLRRVGDGVQRNHETAFQGMLRKLDIKNEDDVKSLSRVM
IHVFSDGVTNWGRIVTLISFGAFVAKHLKTINQESCIEPLAESITDVLVRTKRDWLVKQRGWDGFVEFFHVEDLEGG
;
A,B
2 'polypeptide(L)' (ACE)ALETLRRVGDGVQRNH(NH2) C,D
#
loop_
_chem_comp.id
_chem_comp.type
_chem_comp.name
_chem_comp.formula
ACE non-polymer 'ACETYL GROUP' 'C2 H4 O'
NH2 non-polymer 'AMINO GROUP' 'H2 N'
#
# COMPACT_ATOMS: atom_id res chain seq x y z
N GLY A 1 12.00 27.99 -19.80
CA GLY A 1 10.96 27.00 -19.93
C GLY A 1 9.65 27.38 -19.25
N ASP A 2 8.64 26.54 -19.47
CA ASP A 2 7.31 26.73 -18.94
C ASP A 2 7.25 26.27 -17.46
N GLU A 3 7.20 27.21 -16.50
CA GLU A 3 7.25 26.82 -15.09
C GLU A 3 5.98 26.08 -14.65
N LEU A 4 4.83 26.42 -15.24
CA LEU A 4 3.59 25.74 -14.90
C LEU A 4 3.69 24.27 -15.33
N TYR A 5 4.15 24.03 -16.55
CA TYR A 5 4.48 22.67 -16.97
C TYR A 5 5.43 21.96 -16.00
N ARG A 6 6.55 22.62 -15.67
CA ARG A 6 7.59 21.98 -14.90
C ARG A 6 7.05 21.56 -13.54
N GLN A 7 6.37 22.49 -12.87
CA GLN A 7 5.83 22.22 -11.55
C GLN A 7 4.74 21.15 -11.60
N SER A 8 3.86 21.24 -12.60
CA SER A 8 2.77 20.27 -12.74
C SER A 8 3.31 18.85 -12.96
N LEU A 9 4.27 18.73 -13.88
CA LEU A 9 4.91 17.46 -14.18
C LEU A 9 5.58 16.87 -12.94
N GLU A 10 6.28 17.72 -12.18
CA GLU A 10 6.98 17.25 -10.98
C GLU A 10 6.00 16.67 -9.96
N ILE A 11 4.94 17.41 -9.69
CA ILE A 11 3.94 16.98 -8.72
C ILE A 11 3.26 15.70 -9.16
N ILE A 12 2.80 15.69 -10.41
CA ILE A 12 2.08 14.54 -10.91
C ILE A 12 2.98 13.30 -11.02
N SER A 13 4.18 13.48 -11.54
CA SER A 13 5.15 12.40 -11.64
CA SER A 13 5.13 12.38 -11.63
C SER A 13 5.48 11.85 -10.26
N ARG A 14 5.70 12.73 -9.31
CA ARG A 14 6.07 12.26 -7.98
C ARG A 14 4.95 11.45 -7.35
N TYR A 15 3.72 11.92 -7.49
CA TYR A 15 2.58 11.18 -6.93
C TYR A 15 2.41 9.80 -7.60
N LEU A 16 2.45 9.78 -8.93
CA LEU A 16 2.27 8.51 -9.63
C LEU A 16 3.36 7.51 -9.28
N ARG A 17 4.60 7.98 -9.21
CA ARG A 17 5.71 7.09 -8.89
C ARG A 17 5.67 6.58 -7.46
N GLU A 18 5.34 7.44 -6.51
CA GLU A 18 5.30 6.97 -5.13
C GLU A 18 4.13 6.02 -4.92
N GLN A 19 3.02 6.24 -5.63
CA GLN A 19 1.91 5.30 -5.58
C GLN A 19 2.31 3.94 -6.17
N ALA A 20 2.95 3.99 -7.34
CA ALA A 20 3.34 2.76 -8.01
C ALA A 20 4.35 1.93 -7.20
N THR A 21 5.30 2.62 -6.57
CA THR A 21 6.41 1.93 -5.90
C THR A 21 6.20 1.70 -4.41
N GLY A 22 5.28 2.46 -3.81
CA GLY A 22 5.05 2.42 -2.38
C GLY A 22 6.09 3.19 -1.57
N ALA A 23 6.94 3.96 -2.25
CA ALA A 23 8.03 4.66 -1.58
C ALA A 23 8.14 6.11 -2.00
N LYS A 24 8.28 6.97 -1.02
CA LYS A 24 8.44 8.39 -1.26
C LYS A 24 9.81 8.65 -1.88
N ASP A 25 9.86 9.60 -2.81
CA ASP A 25 11.10 10.10 -3.35
C ASP A 25 11.68 11.00 -2.27
N THR A 26 12.81 10.60 -1.71
CA THR A 26 13.32 11.24 -0.48
C THR A 26 14.02 12.56 -0.72
N LYS A 27 14.32 12.87 -1.99
CA LYS A 27 15.02 14.13 -2.29
C LYS A 27 14.03 15.29 -2.43
N PRO A 28 14.14 16.27 -1.53
CA PRO A 28 13.18 17.37 -1.54
C PRO A 28 13.17 18.14 -2.87
N MET A 29 12.00 18.64 -3.19
CA MET A 29 11.82 19.56 -4.30
C MET A 29 12.37 20.92 -3.94
N GLY A 30 13.23 21.45 -4.79
CA GLY A 30 13.92 22.70 -4.49
C GLY A 30 13.32 23.94 -5.15
N ARG A 31 12.35 23.74 -6.05
CA ARG A 31 11.75 24.84 -6.79
C ARG A 31 10.23 24.83 -6.61
N SER A 32 9.70 25.94 -6.10
CA SER A 32 8.30 26.05 -5.69
C SER A 32 7.94 24.88 -4.81
N GLY A 33 8.86 24.56 -3.92
CA GLY A 33 8.72 23.37 -3.10
C GLY A 33 7.63 23.41 -2.06
N ALA A 34 7.37 24.58 -1.49
CA ALA A 34 6.36 24.67 -0.44
C ALA A 34 5.01 24.32 -0.98
N THR A 35 4.66 24.92 -2.13
CA THR A 35 3.39 24.65 -2.76
C THR A 35 3.35 23.23 -3.28
N SER A 36 4.44 22.79 -3.91
CA SER A 36 4.46 21.42 -4.42
C SER A 36 4.35 20.38 -3.30
N ARG A 37 5.00 20.62 -2.15
CA ARG A 37 4.85 19.70 -1.03
C ARG A 37 3.40 19.65 -0.54
N LYS A 38 2.72 20.80 -0.49
CA LYS A 38 1.32 20.82 -0.06
C LYS A 38 0.44 20.14 -1.09
N ALA A 39 0.79 20.28 -2.36
CA ALA A 39 0.04 19.59 -3.40
C ALA A 39 0.17 18.09 -3.28
N LEU A 40 1.37 17.60 -2.97
CA LEU A 40 1.55 16.15 -2.73
C LEU A 40 0.80 15.70 -1.47
N GLU A 41 0.85 16.48 -0.39
CA GLU A 41 0.05 16.11 0.78
C GLU A 41 -1.41 15.96 0.38
N THR A 42 -1.87 16.87 -0.46
CA THR A 42 -3.26 16.94 -0.87
C THR A 42 -3.60 15.72 -1.71
N LEU A 43 -2.70 15.37 -2.62
CA LEU A 43 -2.92 14.18 -3.45
C LEU A 43 -2.94 12.88 -2.64
N ARG A 44 -2.07 12.74 -1.65
CA ARG A 44 -2.11 11.54 -0.81
C ARG A 44 -3.43 11.44 -0.07
N ARG A 45 -3.90 12.58 0.43
CA ARG A 45 -5.10 12.61 1.24
C ARG A 45 -6.35 12.39 0.38
N VAL A 46 -6.55 13.28 -0.59
CA VAL A 46 -7.73 13.24 -1.45
C VAL A 46 -7.60 12.15 -2.52
N GLY A 47 -6.44 12.09 -3.17
CA GLY A 47 -6.24 11.14 -4.26
C GLY A 47 -6.31 9.69 -3.82
N ASP A 48 -5.71 9.37 -2.67
CA ASP A 48 -5.79 8.02 -2.15
C ASP A 48 -7.25 7.70 -1.85
N GLY A 49 -7.98 8.68 -1.32
CA GLY A 49 -9.37 8.50 -1.01
C GLY A 49 -10.26 8.28 -2.22
N VAL A 50 -9.99 9.01 -3.29
CA VAL A 50 -10.72 8.82 -4.54
C VAL A 50 -10.54 7.39 -5.03
N GLN A 51 -9.31 6.89 -5.04
CA GLN A 51 -9.04 5.53 -5.49
C GLN A 51 -9.72 4.47 -4.61
N ARG A 52 -9.79 4.72 -3.31
CA ARG A 52 -10.43 3.77 -2.41
C ARG A 52 -11.95 3.78 -2.56
N ASN A 53 -12.52 4.98 -2.57
CA ASN A 53 -13.97 5.15 -2.62
C ASN A 53 -14.54 4.68 -3.94
N HIS A 54 -13.74 4.78 -5.00
CA HIS A 54 -14.20 4.47 -6.35
C HIS A 54 -13.43 3.32 -7.01
N GLU A 55 -12.98 2.37 -6.20
CA GLU A 55 -12.09 1.34 -6.67
C GLU A 55 -12.73 0.50 -7.78
N THR A 56 -13.99 0.14 -7.60
CA THR A 56 -14.68 -0.67 -8.60
C THR A 56 -14.79 0.06 -9.94
N ALA A 57 -15.20 1.32 -9.89
CA ALA A 57 -15.30 2.12 -11.12
C ALA A 57 -13.95 2.28 -11.80
N PHE A 58 -12.91 2.47 -11.00
CA PHE A 58 -11.56 2.66 -11.54
C PHE A 58 -11.08 1.37 -12.18
N GLN A 59 -11.39 0.23 -11.56
CA GLN A 59 -11.05 -1.07 -12.14
C GLN A 59 -11.75 -1.28 -13.47
N GLY A 60 -13.01 -0.87 -13.55
CA GLY A 60 -13.76 -0.94 -14.80
C GLY A 60 -13.14 -0.12 -15.92
N MET A 61 -12.66 1.08 -15.59
CA MET A 61 -11.99 1.93 -16.56
C MET A 61 -10.66 1.35 -17.01
N LEU A 62 -9.90 0.81 -16.06
CA LEU A 62 -8.65 0.15 -16.36
C LEU A 62 -8.89 -0.97 -17.38
N ARG A 63 -9.96 -1.72 -17.16
CA ARG A 63 -10.31 -2.84 -18.04
C ARG A 63 -10.68 -2.32 -19.43
N LYS A 64 -11.56 -1.31 -19.48
CA LYS A 64 -12.00 -0.76 -20.77
C LYS A 64 -10.86 -0.20 -21.61
N LEU A 65 -10.02 0.61 -20.97
CA LEU A 65 -8.95 1.31 -21.66
C LEU A 65 -7.78 0.41 -22.00
N ASP A 66 -7.59 -0.66 -21.24
CA ASP A 66 -6.56 -1.66 -21.52
C ASP A 66 -5.19 -1.03 -21.79
N ILE A 67 -4.71 -0.22 -20.85
CA ILE A 67 -3.47 0.51 -21.00
C ILE A 67 -2.27 -0.38 -20.64
N LYS A 68 -1.49 -0.78 -21.66
CA LYS A 68 -0.37 -1.70 -21.47
C LYS A 68 0.92 -1.22 -22.12
N ASN A 69 0.88 -0.08 -22.79
CA ASN A 69 2.07 0.46 -23.43
C ASN A 69 1.89 1.96 -23.70
N GLU A 70 2.92 2.60 -24.26
CA GLU A 70 2.87 4.05 -24.50
C GLU A 70 1.81 4.45 -25.52
N ASP A 71 1.61 3.63 -26.55
CA ASP A 71 0.62 3.91 -27.56
C ASP A 71 -0.78 3.98 -26.94
N ASP A 72 -1.02 3.14 -25.93
CA ASP A 72 -2.30 3.13 -25.24
C ASP A 72 -2.53 4.43 -24.46
N VAL A 73 -1.45 5.06 -24.03
CA VAL A 73 -1.59 6.33 -23.32
C VAL A 73 -2.25 7.38 -24.20
N LYS A 74 -2.05 7.31 -25.52
CA LYS A 74 -2.71 8.26 -26.41
C LYS A 74 -4.22 8.12 -26.27
N SER A 75 -4.69 6.92 -26.01
CA SER A 75 -6.12 6.69 -25.83
C SER A 75 -6.65 7.34 -24.56
N LEU A 76 -5.88 7.24 -23.49
CA LEU A 76 -6.23 7.92 -22.25
C LEU A 76 -6.26 9.43 -22.48
N SER A 77 -5.31 9.95 -23.24
CA SER A 77 -5.26 11.36 -23.53
C SER A 77 -6.56 11.86 -24.16
N ARG A 78 -7.06 11.15 -25.17
CA ARG A 78 -8.29 11.56 -25.84
CA ARG A 78 -8.30 11.55 -25.85
C ARG A 78 -9.47 11.51 -24.87
N VAL A 79 -9.49 10.50 -24.01
CA VAL A 79 -10.56 10.37 -23.03
C VAL A 79 -10.53 11.55 -22.06
N MET A 80 -9.34 11.87 -21.57
CA MET A 80 -9.24 12.96 -20.59
C MET A 80 -9.61 14.31 -21.17
N ILE A 81 -9.16 14.55 -22.40
CA ILE A 81 -9.49 15.80 -23.04
C ILE A 81 -11.00 15.94 -23.14
N HIS A 82 -11.66 14.85 -23.53
CA HIS A 82 -13.11 14.91 -23.74
C HIS A 82 -13.97 14.91 -22.50
N VAL A 83 -13.37 14.57 -21.35
CA VAL A 83 -14.06 14.81 -20.08
C VAL A 83 -14.61 16.23 -20.06
N PHE A 84 -13.82 17.18 -20.56
CA PHE A 84 -14.15 18.60 -20.43
C PHE A 84 -15.02 19.14 -21.59
N SER A 85 -15.36 18.27 -22.52
CA SER A 85 -16.18 18.69 -23.66
C SER A 85 -17.63 19.00 -23.34
N ASP A 86 -18.07 18.72 -22.12
CA ASP A 86 -19.41 19.13 -21.70
C ASP A 86 -19.40 20.55 -21.13
N GLY A 87 -18.24 21.21 -21.20
CA GLY A 87 -18.12 22.59 -20.80
C GLY A 87 -17.88 22.80 -19.32
N VAL A 88 -17.75 21.70 -18.59
CA VAL A 88 -17.54 21.77 -17.16
C VAL A 88 -16.08 21.52 -16.79
N THR A 89 -15.52 22.42 -16.00
CA THR A 89 -14.16 22.25 -15.49
C THR A 89 -14.18 22.59 -13.98
N ASN A 90 -13.65 21.71 -13.15
CA ASN A 90 -13.57 21.95 -11.75
C ASN A 90 -12.42 21.13 -11.13
N TRP A 91 -12.06 21.49 -9.89
CA TRP A 91 -10.95 20.82 -9.21
C TRP A 91 -11.22 19.35 -8.93
N GLY A 92 -12.48 19.00 -8.69
CA GLY A 92 -12.85 17.61 -8.52
C GLY A 92 -12.47 16.74 -9.70
N ARG A 93 -12.76 17.22 -10.90
CA ARG A 93 -12.40 16.49 -12.10
C ARG A 93 -10.88 16.38 -12.26
N ILE A 94 -10.18 17.48 -12.01
CA ILE A 94 -8.72 17.50 -12.10
C ILE A 94 -8.06 16.50 -11.15
N VAL A 95 -8.47 16.51 -9.88
CA VAL A 95 -7.86 15.58 -8.94
C VAL A 95 -8.22 14.13 -9.30
N THR A 96 -9.40 13.94 -9.89
CA THR A 96 -9.85 12.61 -10.28
C THR A 96 -9.00 12.07 -11.43
N LEU A 97 -8.63 12.94 -12.37
CA LEU A 97 -7.70 12.53 -13.42
C LEU A 97 -6.36 12.07 -12.86
N ILE A 98 -5.82 12.83 -11.91
CA ILE A 98 -4.54 12.48 -11.33
C ILE A 98 -4.66 11.18 -10.51
N SER A 99 -5.76 11.07 -9.74
CA SER A 99 -6.05 9.85 -8.99
C SER A 99 -6.12 8.58 -9.86
N PHE A 100 -6.84 8.67 -10.97
CA PHE A 100 -6.92 7.56 -11.91
C PHE A 100 -5.53 7.29 -12.51
N GLY A 101 -4.76 8.34 -12.78
CA GLY A 101 -3.38 8.17 -13.21
C GLY A 101 -2.56 7.31 -12.25
N ALA A 102 -2.67 7.61 -10.96
CA ALA A 102 -2.00 6.77 -9.96
C ALA A 102 -2.46 5.34 -10.00
N PHE A 103 -3.76 5.15 -10.16
CA PHE A 103 -4.35 3.81 -10.25
C PHE A 103 -3.76 3.04 -11.44
N VAL A 104 -3.61 3.72 -12.57
CA VAL A 104 -3.00 3.12 -13.75
C VAL A 104 -1.51 2.86 -13.52
N ALA A 105 -0.82 3.81 -12.90
CA ALA A 105 0.60 3.64 -12.63
C ALA A 105 0.88 2.39 -11.79
N LYS A 106 0.06 2.14 -10.76
CA LYS A 106 0.22 0.94 -9.96
C LYS A 106 0.12 -0.31 -10.84
N HIS A 107 -0.86 -0.31 -11.73
CA HIS A 107 -1.07 -1.47 -12.58
C HIS A 107 0.07 -1.64 -13.56
N LEU A 108 0.53 -0.53 -14.13
CA LEU A 108 1.69 -0.60 -15.03
C LEU A 108 2.88 -1.28 -14.36
N LYS A 109 3.12 -0.98 -13.09
CA LYS A 109 4.25 -1.57 -12.40
C LYS A 109 4.05 -3.07 -12.30
N THR A 110 2.83 -3.54 -12.06
CA THR A 110 2.62 -4.98 -11.90
C THR A 110 2.85 -5.76 -13.20
N ILE A 111 2.71 -5.11 -14.35
CA ILE A 111 3.00 -5.78 -15.63
C ILE A 111 4.36 -5.36 -16.21
N ASN A 112 5.26 -4.87 -15.35
CA ASN A 112 6.63 -4.54 -15.71
CA ASN A 112 6.63 -4.55 -15.73
C ASN A 112 6.72 -3.45 -16.78
N GLN A 113 5.78 -2.53 -16.74
CA GLN A 113 5.74 -1.40 -17.65
C GLN A 113 5.94 -0.08 -16.90
N GLU A 114 6.81 -0.06 -15.89
CA GLU A 114 7.13 1.18 -15.20
C GLU A 114 7.59 2.29 -16.17
N SER A 115 8.18 1.87 -17.30
CA SER A 115 8.64 2.83 -18.30
C SER A 115 7.52 3.70 -18.85
N CYS A 116 6.27 3.22 -18.79
CA CYS A 116 5.14 3.96 -19.34
C CYS A 116 4.61 5.00 -18.35
N ILE A 117 5.18 5.04 -17.14
CA ILE A 117 4.71 6.04 -16.19
C ILE A 117 5.07 7.44 -16.65
N GLU A 118 6.21 7.59 -17.31
CA GLU A 118 6.61 8.92 -17.80
C GLU A 118 5.63 9.43 -18.86
N PRO A 119 5.31 8.60 -19.87
CA PRO A 119 4.32 9.14 -20.81
C PRO A 119 2.93 9.37 -20.16
N LEU A 120 2.57 8.53 -19.19
CA LEU A 120 1.31 8.70 -18.46
C LEU A 120 1.25 10.03 -17.74
N ALA A 121 2.30 10.32 -16.97
CA ALA A 121 2.40 11.60 -16.28
C ALA A 121 2.41 12.78 -17.23
N GLU A 122 3.12 12.65 -18.37
CA GLU A 122 3.09 13.72 -19.37
C GLU A 122 1.69 13.93 -19.90
N SER A 123 0.94 12.86 -20.14
CA SER A 123 -0.40 13.02 -20.72
C SER A 123 -1.33 13.76 -19.77
N ILE A 124 -1.25 13.46 -18.47
CA ILE A 124 -2.14 14.10 -17.53
C ILE A 124 -1.71 15.55 -17.35
N THR A 125 -0.41 15.78 -17.26
CA THR A 125 0.12 17.13 -17.17
C THR A 125 -0.38 17.99 -18.34
N ASP A 126 -0.36 17.43 -19.55
CA ASP A 126 -0.79 18.14 -20.74
C ASP A 126 -2.25 18.61 -20.71
N VAL A 127 -3.13 17.80 -20.14
CA VAL A 127 -4.52 18.22 -20.01
C VAL A 127 -4.62 19.46 -19.15
N LEU A 128 -3.80 19.52 -18.12
CA LEU A 128 -3.84 20.65 -17.20
C LEU A 128 -3.17 21.90 -17.75
N VAL A 129 -2.00 21.75 -18.38
CA VAL A 129 -1.19 22.93 -18.68
C VAL A 129 -1.25 23.31 -20.15
N ARG A 130 -2.00 22.56 -20.94
CA ARG A 130 -2.26 22.96 -22.33
C ARG A 130 -3.76 23.01 -22.57
N THR A 131 -4.42 21.87 -22.59
CA THR A 131 -5.85 21.83 -22.82
C THR A 131 -6.67 22.78 -21.92
N LYS A 132 -6.44 22.72 -20.61
CA LYS A 132 -7.16 23.58 -19.67
C LYS A 132 -6.28 24.63 -19.00
N ARG A 133 -5.24 25.06 -19.67
CA ARG A 133 -4.29 26.00 -19.10
C ARG A 133 -4.95 27.29 -18.64
N ASP A 134 -5.85 27.84 -19.43
CA ASP A 134 -6.44 29.12 -19.10
C ASP A 134 -7.23 29.03 -17.80
N TRP A 135 -8.00 27.97 -17.66
CA TRP A 135 -8.78 27.76 -16.45
C TRP A 135 -7.85 27.58 -15.26
N LEU A 136 -6.83 26.76 -15.44
CA LEU A 136 -5.91 26.45 -14.35
C LEU A 136 -5.21 27.71 -13.83
N VAL A 137 -4.80 28.58 -14.75
CA VAL A 137 -4.13 29.81 -14.38
C VAL A 137 -5.10 30.77 -13.69
N LYS A 138 -6.33 30.85 -14.19
CA LYS A 138 -7.32 31.75 -13.59
C LYS A 138 -7.63 31.31 -12.18
N GLN A 139 -7.50 30.02 -11.94
CA GLN A 139 -7.79 29.45 -10.63
C GLN A 139 -6.57 29.39 -9.71
N ARG A 140 -5.52 30.13 -10.06
CA ARG A 140 -4.31 30.25 -9.25
C ARG A 140 -3.45 28.98 -9.17
N GLY A 141 -3.55 28.16 -10.20
CA GLY A 141 -2.63 27.05 -10.33
C GLY A 141 -2.65 26.14 -9.12
N TRP A 142 -1.47 25.70 -8.72
CA TRP A 142 -1.38 24.72 -7.64
C TRP A 142 -1.69 25.33 -6.27
N ASP A 143 -1.50 26.63 -6.12
CA ASP A 143 -1.93 27.26 -4.86
C ASP A 143 -3.46 27.18 -4.74
N GLY A 144 -4.15 27.33 -5.87
CA GLY A 144 -5.59 27.17 -5.93
C GLY A 144 -6.04 25.76 -5.63
N PHE A 145 -5.34 24.79 -6.20
CA PHE A 145 -5.60 23.37 -5.94
C PHE A 145 -5.50 23.09 -4.43
N VAL A 146 -4.40 23.51 -3.82
CA VAL A 146 -4.19 23.29 -2.40
C VAL A 146 -5.27 23.99 -1.56
N GLU A 147 -5.60 25.23 -1.90
CA GLU A 147 -6.63 25.97 -1.18
C GLU A 147 -7.98 25.26 -1.24
N PHE A 148 -8.37 24.79 -2.42
CA PHE A 148 -9.69 24.20 -2.58
C PHE A 148 -9.87 22.97 -1.67
N PHE A 149 -8.83 22.17 -1.55
CA PHE A 149 -8.92 20.90 -0.83
C PHE A 149 -8.42 20.99 0.61
N HIS A 150 -8.06 22.17 1.06
CA HIS A 150 -7.47 22.27 2.41
C HIS A 150 -8.46 21.90 3.50
N VAL A 151 -7.91 21.41 4.60
CA VAL A 151 -8.69 21.01 5.77
C VAL A 151 -8.59 22.14 6.78
N GLU A 152 -9.73 22.69 7.20
CA GLU A 152 -9.75 23.68 8.27
C GLU A 152 -9.53 22.97 9.59
N ASP A 153 -8.65 23.52 10.42
CA ASP A 153 -8.38 22.91 11.72
C ASP A 153 -9.28 23.55 12.76
N LEU A 154 -10.21 22.77 13.32
CA LEU A 154 -11.17 23.30 14.28
C LEU A 154 -10.69 23.09 15.71
N GLY B 1 24.62 -17.10 21.31
CA GLY B 1 25.01 -18.38 20.75
C GLY B 1 23.83 -19.16 20.19
N ASP B 2 22.64 -18.56 20.24
CA ASP B 2 21.43 -19.22 19.77
C ASP B 2 21.11 -18.81 18.34
N GLU B 3 21.61 -19.59 17.37
CA GLU B 3 21.53 -19.22 15.98
C GLU B 3 20.10 -19.26 15.46
N LEU B 4 19.33 -20.25 15.89
CA LEU B 4 17.94 -20.34 15.46
C LEU B 4 17.18 -19.10 15.89
N TYR B 5 17.40 -18.64 17.11
CA TYR B 5 16.71 -17.46 17.61
C TYR B 5 17.14 -16.24 16.80
N ARG B 6 18.45 -16.07 16.65
CA ARG B 6 19.00 -14.94 15.91
C ARG B 6 18.41 -14.88 14.49
N GLN B 7 18.43 -16.01 13.80
CA GLN B 7 17.94 -16.08 12.44
C GLN B 7 16.44 -15.76 12.37
N SER B 8 15.68 -16.36 13.27
CA SER B 8 14.25 -16.14 13.33
C SER B 8 13.90 -14.67 13.56
N LEU B 9 14.62 -14.04 14.49
CA LEU B 9 14.37 -12.64 14.81
C LEU B 9 14.66 -11.73 13.63
N GLU B 10 15.78 -11.99 12.97
CA GLU B 10 16.14 -11.20 11.80
C GLU B 10 15.04 -11.29 10.72
N ILE B 11 14.61 -12.51 10.39
CA ILE B 11 13.55 -12.69 9.40
C ILE B 11 12.25 -11.97 9.81
N ILE B 12 11.80 -12.20 11.03
CA ILE B 12 10.50 -11.72 11.48
C ILE B 12 10.53 -10.19 11.63
N SER B 13 11.59 -9.67 12.24
CA SER B 13 11.80 -8.24 12.37
CA SER B 13 11.79 -8.24 12.37
C SER B 13 11.80 -7.54 11.02
N ARG B 14 12.57 -8.07 10.07
CA ARG B 14 12.65 -7.46 8.76
C ARG B 14 11.28 -7.43 8.08
N TYR B 15 10.53 -8.52 8.15
CA TYR B 15 9.23 -8.57 7.51
C TYR B 15 8.27 -7.57 8.16
N LEU B 16 8.18 -7.56 9.49
CA LEU B 16 7.27 -6.65 10.16
C LEU B 16 7.61 -5.18 9.86
N ARG B 17 8.90 -4.85 9.90
CA ARG B 17 9.34 -3.47 9.67
C ARG B 17 9.03 -3.02 8.24
N GLU B 18 9.34 -3.85 7.26
CA GLU B 18 9.15 -3.44 5.88
C GLU B 18 7.65 -3.38 5.56
N GLN B 19 6.87 -4.24 6.20
CA GLN B 19 5.42 -4.18 6.06
C GLN B 19 4.87 -2.85 6.60
N ALA B 20 5.36 -2.43 7.76
CA ALA B 20 4.85 -1.23 8.40
C ALA B 20 5.25 -0.01 7.59
N THR B 21 6.47 -0.05 7.08
CA THR B 21 7.04 1.04 6.31
C THR B 21 7.21 0.56 4.87
N GLY B 22 8.45 0.44 4.40
CA GLY B 22 8.68 -0.06 3.06
C GLY B 22 9.91 -0.93 2.89
N GLY B 33 22.22 -16.14 5.29
CA GLY B 33 22.69 -16.52 3.96
C GLY B 33 21.57 -16.73 2.97
N ALA B 34 21.68 -17.78 2.15
CA ALA B 34 20.62 -18.09 1.19
C ALA B 34 19.35 -18.41 1.94
N THR B 35 19.47 -19.12 3.06
CA THR B 35 18.27 -19.54 3.80
C THR B 35 17.41 -18.35 4.27
N SER B 36 18.04 -17.37 4.91
CA SER B 36 17.29 -16.22 5.43
C SER B 36 16.70 -15.39 4.28
N ARG B 37 17.46 -15.22 3.19
CA ARG B 37 16.98 -14.49 2.04
C ARG B 37 15.75 -15.17 1.45
N LYS B 38 15.83 -16.49 1.32
CA LYS B 38 14.73 -17.28 0.78
C LYS B 38 13.56 -17.27 1.72
N ALA B 39 13.82 -17.31 3.02
CA ALA B 39 12.75 -17.31 4.00
C ALA B 39 11.99 -15.99 3.95
N LEU B 40 12.71 -14.88 3.81
CA LEU B 40 12.03 -13.60 3.71
C LEU B 40 11.24 -13.45 2.40
N GLU B 41 11.79 -13.94 1.30
CA GLU B 41 11.05 -13.95 0.02
C GLU B 41 9.75 -14.73 0.15
N THR B 42 9.82 -15.87 0.82
CA THR B 42 8.67 -16.76 1.00
C THR B 42 7.63 -16.10 1.88
N LEU B 43 8.11 -15.42 2.91
CA LEU B 43 7.26 -14.75 3.85
C LEU B 43 6.50 -13.58 3.19
N ARG B 44 7.20 -12.83 2.34
CA ARG B 44 6.58 -11.78 1.58
C ARG B 44 5.45 -12.38 0.74
N ARG B 45 5.74 -13.46 0.03
CA ARG B 45 4.76 -14.07 -0.87
C ARG B 45 3.55 -14.58 -0.11
N VAL B 46 3.80 -15.48 0.85
CA VAL B 46 2.74 -16.19 1.56
C VAL B 46 2.09 -15.29 2.58
N GLY B 47 2.90 -14.50 3.29
CA GLY B 47 2.38 -13.61 4.32
C GLY B 47 1.50 -12.51 3.76
N ASP B 48 1.88 -11.96 2.62
CA ASP B 48 1.07 -10.93 2.01
C ASP B 48 -0.26 -11.55 1.59
N GLY B 49 -0.20 -12.78 1.08
CA GLY B 49 -1.40 -13.51 0.71
C GLY B 49 -2.35 -13.76 1.86
N VAL B 50 -1.77 -14.16 3.00
CA VAL B 50 -2.57 -14.47 4.17
C VAL B 50 -3.32 -13.23 4.61
N GLN B 51 -2.63 -12.10 4.63
CA GLN B 51 -3.27 -10.85 5.04
C GLN B 51 -4.39 -10.41 4.10
N ARG B 52 -4.22 -10.61 2.79
CA ARG B 52 -5.24 -10.18 1.83
C ARG B 52 -6.46 -11.10 1.90
N ASN B 53 -6.21 -12.40 1.87
CA ASN B 53 -7.26 -13.39 1.87
C ASN B 53 -8.08 -13.40 3.15
N HIS B 54 -7.45 -13.01 4.27
CA HIS B 54 -8.10 -13.05 5.58
C HIS B 54 -8.17 -11.68 6.23
N GLU B 55 -8.26 -10.65 5.40
CA GLU B 55 -8.26 -9.28 5.90
C GLU B 55 -9.39 -9.05 6.91
N THR B 56 -10.60 -9.51 6.59
CA THR B 56 -11.74 -9.27 7.48
C THR B 56 -11.51 -9.91 8.84
N ALA B 57 -11.04 -11.16 8.83
CA ALA B 57 -10.79 -11.87 10.09
C ALA B 57 -9.67 -11.21 10.89
N PHE B 58 -8.61 -10.79 10.21
CA PHE B 58 -7.50 -10.11 10.87
C PHE B 58 -7.96 -8.79 11.48
N GLN B 59 -8.82 -8.05 10.77
CA GLN B 59 -9.32 -6.78 11.28
C GLN B 59 -10.14 -7.03 12.56
N GLY B 60 -10.95 -8.08 12.53
CA GLY B 60 -11.73 -8.47 13.69
C GLY B 60 -10.87 -8.77 14.90
N MET B 61 -9.79 -9.52 14.69
CA MET B 61 -8.88 -9.86 15.79
C MET B 61 -8.21 -8.62 16.34
N LEU B 62 -7.79 -7.75 15.43
CA LEU B 62 -7.19 -6.49 15.81
C LEU B 62 -8.12 -5.68 16.72
N ARG B 63 -9.40 -5.61 16.37
CA ARG B 63 -10.40 -4.90 17.19
C ARG B 63 -10.56 -5.54 18.57
N LYS B 64 -10.65 -6.87 18.61
CA LYS B 64 -10.86 -7.58 19.87
C LYS B 64 -9.69 -7.40 20.81
N LEU B 65 -8.48 -7.50 20.26
CA LEU B 65 -7.29 -7.51 21.08
C LEU B 65 -6.85 -6.11 21.53
N ASP B 66 -7.29 -5.07 20.82
CA ASP B 66 -7.02 -3.68 21.19
C ASP B 66 -5.54 -3.46 21.52
N ILE B 67 -4.69 -3.66 20.53
CA ILE B 67 -3.25 -3.57 20.72
C ILE B 67 -2.77 -2.17 20.44
N LYS B 68 -2.41 -1.44 21.49
CA LYS B 68 -2.07 -0.03 21.35
C LYS B 68 -0.76 0.34 22.02
N ASN B 69 -0.14 -0.60 22.71
CA ASN B 69 1.11 -0.34 23.43
C ASN B 69 1.88 -1.61 23.71
N GLU B 70 3.03 -1.47 24.36
CA GLU B 70 3.92 -2.61 24.56
C GLU B 70 3.31 -3.60 25.55
N ASP B 71 2.56 -3.10 26.53
CA ASP B 71 1.87 -3.97 27.46
C ASP B 71 0.86 -4.87 26.73
N ASP B 72 0.17 -4.31 25.74
CA ASP B 72 -0.78 -5.10 24.94
C ASP B 72 -0.08 -6.17 24.11
N VAL B 73 1.14 -5.89 23.65
CA VAL B 73 1.92 -6.88 22.92
C VAL B 73 2.17 -8.09 23.83
N LYS B 74 2.34 -7.85 25.13
CA LYS B 74 2.54 -8.95 26.08
C LYS B 74 1.29 -9.84 26.15
N SER B 75 0.13 -9.22 26.15
CA SER B 75 -1.13 -9.95 26.11
C SER B 75 -1.27 -10.80 24.83
N LEU B 76 -0.80 -10.26 23.70
CA LEU B 76 -0.90 -11.00 22.43
C LEU B 76 -0.03 -12.26 22.50
N SER B 77 1.09 -12.15 23.19
CA SER B 77 2.01 -13.27 23.36
C SER B 77 1.31 -14.48 23.97
N ARG B 78 0.45 -14.22 24.96
CA ARG B 78 -0.29 -15.28 25.62
CA ARG B 78 -0.27 -15.29 25.63
C ARG B 78 -1.29 -15.92 24.68
N VAL B 79 -1.97 -15.09 23.90
CA VAL B 79 -2.92 -15.57 22.90
C VAL B 79 -2.22 -16.50 21.92
N MET B 80 -1.03 -16.09 21.48
CA MET B 80 -0.32 -16.84 20.45
C MET B 80 0.20 -18.15 21.00
N ILE B 81 0.66 -18.14 22.25
CA ILE B 81 1.06 -19.38 22.89
C ILE B 81 -0.09 -20.39 22.93
N HIS B 82 -1.28 -19.90 23.23
CA HIS B 82 -2.41 -20.82 23.42
C HIS B 82 -2.97 -21.37 22.10
N VAL B 83 -2.59 -20.75 20.99
CA VAL B 83 -2.94 -21.28 19.68
C VAL B 83 -2.52 -22.74 19.64
N PHE B 84 -1.39 -23.03 20.25
CA PHE B 84 -0.81 -24.37 20.17
C PHE B 84 -1.30 -25.33 21.25
N SER B 85 -2.16 -24.85 22.13
CA SER B 85 -2.59 -25.67 23.28
C SER B 85 -3.54 -26.81 22.90
N ASP B 86 -3.96 -26.87 21.65
CA ASP B 86 -4.76 -28.00 21.20
C ASP B 86 -3.85 -29.13 20.67
N GLY B 87 -2.54 -28.97 20.83
CA GLY B 87 -1.57 -29.99 20.46
C GLY B 87 -1.18 -29.99 18.98
N VAL B 88 -1.73 -29.05 18.23
CA VAL B 88 -1.47 -28.97 16.78
C VAL B 88 -0.42 -27.90 16.46
N THR B 89 0.61 -28.30 15.71
CA THR B 89 1.66 -27.40 15.28
C THR B 89 1.94 -27.67 13.79
N ASN B 90 1.85 -26.64 12.95
CA ASN B 90 2.16 -26.76 11.56
C ASN B 90 2.65 -25.42 10.99
N TRP B 91 3.21 -25.45 9.79
CA TRP B 91 3.72 -24.23 9.18
C TRP B 91 2.61 -23.22 8.85
N GLY B 92 1.40 -23.70 8.54
CA GLY B 92 0.27 -22.81 8.32
C GLY B 92 0.05 -21.87 9.50
N ARG B 93 0.03 -22.45 10.69
CA ARG B 93 -0.16 -21.68 11.94
C ARG B 93 1.00 -20.71 12.19
N ILE B 94 2.21 -21.18 11.97
CA ILE B 94 3.39 -20.37 12.20
C ILE B 94 3.43 -19.17 11.26
N VAL B 95 3.18 -19.37 9.96
CA VAL B 95 3.17 -18.23 9.05
C VAL B 95 1.98 -17.29 9.30
N THR B 96 0.88 -17.83 9.81
CA THR B 96 -0.28 -17.01 10.13
C THR B 96 0.03 -16.10 11.32
N LEU B 97 0.74 -16.62 12.31
CA LEU B 97 1.13 -15.77 13.45
C LEU B 97 2.02 -14.62 12.97
N ILE B 98 2.98 -14.93 12.10
CA ILE B 98 3.86 -13.86 11.61
C ILE B 98 3.09 -12.87 10.74
N SER B 99 2.22 -13.39 9.88
CA SER B 99 1.35 -12.56 9.05
C SER B 99 0.49 -11.61 9.87
N PHE B 100 -0.10 -12.13 10.94
CA PHE B 100 -0.88 -11.29 11.82
C PHE B 100 0.02 -10.24 12.49
N GLY B 101 1.24 -10.63 12.82
CA GLY B 101 2.19 -9.70 13.38
C GLY B 101 2.43 -8.52 12.43
N ALA B 102 2.53 -8.81 11.14
CA ALA B 102 2.72 -7.74 10.16
C ALA B 102 1.49 -6.84 10.10
N PHE B 103 0.32 -7.44 10.15
CA PHE B 103 -0.92 -6.71 10.15
C PHE B 103 -0.99 -5.77 11.37
N VAL B 104 -0.61 -6.29 12.52
CA VAL B 104 -0.55 -5.46 13.73
C VAL B 104 0.52 -4.36 13.61
N ALA B 105 1.69 -4.70 13.06
CA ALA B 105 2.76 -3.72 12.88
C ALA B 105 2.32 -2.50 12.04
N LYS B 106 1.55 -2.76 10.98
CA LYS B 106 1.05 -1.68 10.16
C LYS B 106 0.16 -0.76 10.98
N HIS B 107 -0.69 -1.36 11.79
CA HIS B 107 -1.59 -0.58 12.62
C HIS B 107 -0.79 0.23 13.65
N LEU B 108 0.22 -0.40 14.26
CA LEU B 108 1.03 0.31 15.25
C LEU B 108 1.70 1.53 14.64
N LYS B 109 2.06 1.46 13.36
CA LYS B 109 2.69 2.59 12.72
C LYS B 109 1.71 3.75 12.63
N THR B 110 0.46 3.47 12.31
CA THR B 110 -0.54 4.53 12.15
C THR B 110 -0.86 5.27 13.46
N ILE B 111 -0.59 4.65 14.60
CA ILE B 111 -0.86 5.31 15.90
C ILE B 111 0.45 5.72 16.60
N ASN B 112 1.50 5.94 15.82
CA ASN B 112 2.80 6.37 16.35
C ASN B 112 3.37 5.44 17.40
N GLN B 113 3.13 4.14 17.24
CA GLN B 113 3.75 3.16 18.10
C GLN B 113 4.77 2.34 17.32
N GLU B 114 5.46 2.98 16.39
CA GLU B 114 6.53 2.31 15.69
C GLU B 114 7.50 1.71 16.71
N SER B 115 7.60 2.31 17.89
CA SER B 115 8.50 1.81 18.92
C SER B 115 8.08 0.43 19.46
N CYS B 116 6.85 0.04 19.17
CA CYS B 116 6.32 -1.25 19.61
C CYS B 116 6.56 -2.35 18.59
N ILE B 117 7.08 -2.00 17.41
CA ILE B 117 7.18 -2.99 16.34
C ILE B 117 8.28 -3.99 16.64
N GLU B 118 9.42 -3.51 17.11
CA GLU B 118 10.48 -4.43 17.47
C GLU B 118 10.09 -5.34 18.65
N PRO B 119 9.49 -4.77 19.72
CA PRO B 119 8.95 -5.62 20.79
C PRO B 119 7.97 -6.68 20.28
N LEU B 120 7.15 -6.33 19.29
CA LEU B 120 6.21 -7.27 18.70
C LEU B 120 6.97 -8.39 17.97
N ALA B 121 7.96 -8.02 17.18
CA ALA B 121 8.78 -9.01 16.49
C ALA B 121 9.50 -9.91 17.50
N GLU B 122 10.05 -9.30 18.55
CA GLU B 122 10.70 -10.07 19.61
C GLU B 122 9.76 -11.10 20.20
N SER B 123 8.54 -10.65 20.47
CA SER B 123 7.54 -11.46 21.14
C SER B 123 7.09 -12.65 20.30
N ILE B 124 6.91 -12.44 18.99
CA ILE B 124 6.51 -13.54 18.14
C ILE B 124 7.64 -14.56 18.04
N THR B 125 8.85 -14.05 17.89
CA THR B 125 10.03 -14.89 17.80
C THR B 125 10.14 -15.72 19.06
N ASP B 126 9.95 -15.07 20.20
CA ASP B 126 10.06 -15.75 21.49
C ASP B 126 9.01 -16.84 21.61
N VAL B 127 7.79 -16.53 21.20
CA VAL B 127 6.73 -17.54 21.21
C VAL B 127 7.13 -18.74 20.36
N LEU B 128 7.57 -18.52 19.12
CA LEU B 128 7.91 -19.64 18.25
C LEU B 128 9.10 -20.46 18.76
N VAL B 129 10.19 -19.79 19.07
CA VAL B 129 11.45 -20.47 19.32
C VAL B 129 11.52 -21.08 20.72
N ARG B 130 10.72 -20.57 21.64
CA ARG B 130 10.73 -21.10 23.01
C ARG B 130 9.62 -22.13 23.22
N THR B 131 8.44 -21.84 22.69
CA THR B 131 7.32 -22.77 22.78
C THR B 131 7.60 -24.00 21.92
N LYS B 132 8.23 -23.77 20.76
CA LYS B 132 8.29 -24.79 19.71
C LYS B 132 9.67 -25.05 19.13
N ARG B 133 10.72 -24.81 19.91
CA ARG B 133 12.06 -25.08 19.42
C ARG B 133 12.20 -26.49 18.86
N ASP B 134 11.76 -27.49 19.61
CA ASP B 134 12.01 -28.88 19.21
C ASP B 134 11.38 -29.15 17.87
N TRP B 135 10.17 -28.65 17.68
CA TRP B 135 9.41 -28.86 16.46
C TRP B 135 10.12 -28.14 15.30
N LEU B 136 10.53 -26.90 15.52
CA LEU B 136 11.25 -26.17 14.48
C LEU B 136 12.49 -26.91 14.04
N VAL B 137 13.25 -27.39 15.01
CA VAL B 137 14.50 -28.08 14.69
C VAL B 137 14.21 -29.34 13.88
N LYS B 138 13.19 -30.08 14.28
CA LYS B 138 12.84 -31.33 13.61
C LYS B 138 12.36 -31.10 12.18
N GLN B 139 11.82 -29.91 11.92
CA GLN B 139 11.33 -29.56 10.61
C GLN B 139 12.38 -28.81 9.77
N ARG B 140 13.62 -28.84 10.24
CA ARG B 140 14.75 -28.24 9.52
C ARG B 140 14.71 -26.72 9.51
N GLY B 141 14.13 -26.15 10.56
CA GLY B 141 14.10 -24.71 10.73
C GLY B 141 13.57 -23.96 9.53
N TRP B 142 14.26 -22.88 9.18
CA TRP B 142 13.80 -22.03 8.07
C TRP B 142 13.95 -22.69 6.71
N ASP B 143 14.86 -23.64 6.58
CA ASP B 143 14.94 -24.41 5.34
C ASP B 143 13.66 -25.22 5.14
N GLY B 144 13.10 -25.74 6.23
CA GLY B 144 11.82 -26.43 6.18
C GLY B 144 10.68 -25.51 5.78
N PHE B 145 10.69 -24.32 6.37
CA PHE B 145 9.72 -23.31 6.03
C PHE B 145 9.72 -23.02 4.54
N VAL B 146 10.90 -22.73 4.02
CA VAL B 146 11.04 -22.43 2.60
C VAL B 146 10.58 -23.59 1.70
N GLU B 147 10.93 -24.81 2.07
CA GLU B 147 10.56 -25.98 1.27
C GLU B 147 9.06 -26.20 1.31
N PHE B 148 8.45 -26.06 2.49
CA PHE B 148 7.02 -26.29 2.62
C PHE B 148 6.20 -25.35 1.71
N PHE B 149 6.63 -24.10 1.63
CA PHE B 149 5.88 -23.06 0.91
C PHE B 149 6.40 -22.81 -0.51
N HIS B 150 7.26 -23.70 -1.00
CA HIS B 150 7.86 -23.50 -2.30
C HIS B 150 6.80 -23.58 -3.41
N VAL B 151 6.98 -22.78 -4.45
CA VAL B 151 6.07 -22.81 -5.58
C VAL B 151 6.41 -23.96 -6.50
C ACE C 1 -16.98 5.38 -19.93
O ACE C 1 -17.89 4.83 -20.60
CH3 ACE C 1 -17.26 6.07 -18.65
N ALA C 2 -15.64 5.46 -19.90
CA ALA C 2 -14.59 5.99 -19.00
C ALA C 2 -14.68 7.50 -18.81
N LEU C 3 -15.01 8.25 -19.85
CA LEU C 3 -14.93 9.70 -19.71
C LEU C 3 -16.13 10.12 -18.88
N GLU C 4 -17.24 9.41 -19.07
CA GLU C 4 -18.45 9.67 -18.31
C GLU C 4 -18.24 9.34 -16.83
N THR C 5 -17.50 8.28 -16.55
CA THR C 5 -17.18 7.89 -15.18
C THR C 5 -16.28 8.91 -14.51
N LEU C 6 -15.25 9.37 -15.23
CA LEU C 6 -14.37 10.42 -14.70
C LEU C 6 -15.15 11.70 -14.40
N ARG C 7 -16.08 12.10 -15.28
CA ARG C 7 -16.95 13.25 -15.01
C ARG C 7 -17.77 13.04 -13.75
N ARG C 8 -18.41 11.88 -13.65
CA ARG C 8 -19.28 11.57 -12.51
C ARG C 8 -18.48 11.58 -11.19
N VAL C 9 -17.38 10.84 -11.16
CA VAL C 9 -16.55 10.79 -9.96
C VAL C 9 -16.02 12.18 -9.64
N GLY C 10 -15.52 12.88 -10.65
CA GLY C 10 -14.97 14.20 -10.47
C GLY C 10 -15.97 15.19 -9.92
N ASP C 11 -17.19 15.18 -10.46
CA ASP C 11 -18.20 16.11 -9.99
C ASP C 11 -18.63 15.78 -8.56
N GLY C 12 -18.56 14.51 -8.21
CA GLY C 12 -18.85 14.10 -6.83
C GLY C 12 -17.79 14.58 -5.86
N VAL C 13 -16.52 14.50 -6.27
CA VAL C 13 -15.43 15.05 -5.44
C VAL C 13 -15.60 16.56 -5.25
N GLN C 14 -15.96 17.25 -6.34
CA GLN C 14 -16.22 18.69 -6.28
C GLN C 14 -17.32 19.05 -5.26
N ARG C 15 -18.41 18.30 -5.29
CA ARG C 15 -19.50 18.54 -4.35
C ARG C 15 -19.06 18.30 -2.89
N ASN C 16 -18.33 17.20 -2.68
CA ASN C 16 -17.84 16.85 -1.34
C ASN C 16 -16.98 17.95 -0.71
N HIS C 17 -16.26 18.67 -1.56
CA HIS C 17 -15.35 19.74 -1.09
C HIS C 17 -15.89 21.14 -1.35
N NH2 C 18 -15.11 21.99 -0.67
C ACE D 1 -10.81 -15.50 18.92
O ACE D 1 -10.70 -16.22 17.92
CH3 ACE D 1 -12.00 -15.57 19.85
N ALA D 2 -9.77 -14.77 19.31
CA ALA D 2 -8.61 -14.55 18.44
C ALA D 2 -7.77 -15.82 18.24
N LEU D 3 -7.65 -16.64 19.27
CA LEU D 3 -6.70 -17.76 19.18
C LEU D 3 -7.36 -18.82 18.31
N GLU D 4 -8.68 -18.92 18.43
CA GLU D 4 -9.45 -19.82 17.57
C GLU D 4 -9.37 -19.41 16.09
N THR D 5 -9.41 -18.10 15.85
CA THR D 5 -9.33 -17.59 14.47
C THR D 5 -7.94 -17.86 13.89
N LEU D 6 -6.91 -17.61 14.69
CA LEU D 6 -5.55 -17.92 14.26
C LEU D 6 -5.40 -19.42 13.94
N ARG D 7 -5.97 -20.29 14.77
CA ARG D 7 -5.94 -21.72 14.46
C ARG D 7 -6.67 -22.03 13.15
N ARG D 8 -7.85 -21.46 12.97
CA ARG D 8 -8.66 -21.70 11.79
C ARG D 8 -7.93 -21.25 10.53
N VAL D 9 -7.47 -20.01 10.54
CA VAL D 9 -6.75 -19.47 9.39
C VAL D 9 -5.48 -20.28 9.13
N GLY D 10 -4.72 -20.57 10.19
CA GLY D 10 -3.49 -21.30 10.05
C GLY D 10 -3.68 -22.69 9.48
N ASP D 11 -4.71 -23.39 9.95
CA ASP D 11 -4.98 -24.72 9.46
C ASP D 11 -5.46 -24.70 8.02
N GLY D 12 -6.11 -23.63 7.62
CA GLY D 12 -6.51 -23.46 6.23
C GLY D 12 -5.32 -23.21 5.32
N VAL D 13 -4.35 -22.43 5.81
CA VAL D 13 -3.11 -22.21 5.06
C VAL D 13 -2.36 -23.54 4.89
N GLN D 14 -2.29 -24.33 5.96
CA GLN D 14 -1.65 -25.63 5.92
C GLN D 14 -2.28 -26.51 4.84
N ARG D 15 -3.62 -26.54 4.79
CA ARG D 15 -4.34 -27.34 3.81
C ARG D 15 -4.02 -26.90 2.39
N ASN D 16 -4.02 -25.59 2.18
CA ASN D 16 -3.75 -25.02 0.86
C ASN D 16 -2.40 -25.48 0.29
N HIS D 17 -1.45 -25.71 1.18
CA HIS D 17 -0.12 -26.13 0.79
C HIS D 17 0.11 -27.61 1.07
N NH2 D 18 1.33 -27.91 0.62
#